data_5Q1S
#
_entry.id   5Q1S
#
_cell.length_a   52.353
_cell.length_b   57.401
_cell.length_c   115.294
_cell.angle_alpha   90.000
_cell.angle_beta   90.000
_cell.angle_gamma   90.000
#
_symmetry.space_group_name_H-M   'P 21 21 21'
#
loop_
_entity.id
_entity.type
_entity.pdbx_description
1 polymer 'DNA cross-link repair 1A protein'
2 non-polymer 'MALONATE ION'
3 non-polymer 'NICKEL (II) ION'
4 non-polymer ~{N}-[2-(7-methoxynaphthalen-1-yl)ethyl]ethanamide
5 water water
#
_entity_poly.entity_id   1
_entity_poly.type   'polypeptide(L)'
_entity_poly.pdbx_seq_one_letter_code
;KKTCPFYKKIPGTGFTVDAFQYGVVEGCTAYFLTHFHSDHYAGLSKHFTFPVYCSEITGNLLKNKLHVQEQYIHPLPLDT
ECIVNGVKVVLLDANHCPGAVMILFYLPNGTVILHTGDFRADPSMERSLLADQKVHMLYLDTTYCSPEYTFPSQQEVIRF
AINTAFEAVTLNPHALVVCGTYSIGKEKVFLAIADVLGSKVGMSQEKYKTLQCLNIPEINSLITTDMCSSLVHLLPMMQI
NFKGLQSHLKKCGGKYNQILAFRPTGWTHSNKFTRIADVIPQTKGNISIYGIPYSEHSSYLEMKRFVQWLKPQKIIPTVN
VGTWKSRSTMEKYFREWKLEAGY
;
_entity_poly.pdbx_strand_id   A
#
# COMPACT_ATOMS: atom_id res chain seq x y z
N THR A 3 -14.43 -20.31 -6.17
CA THR A 3 -13.13 -20.96 -6.51
C THR A 3 -12.11 -19.99 -7.15
N CYS A 4 -10.84 -20.40 -7.17
CA CYS A 4 -9.71 -19.51 -7.50
C CYS A 4 -9.73 -18.99 -8.94
N PRO A 5 -9.74 -17.64 -9.15
CA PRO A 5 -9.72 -17.12 -10.51
C PRO A 5 -8.37 -17.29 -11.19
N PHE A 6 -8.39 -17.22 -12.53
CA PHE A 6 -7.20 -17.55 -13.34
C PHE A 6 -6.03 -16.60 -13.08
N TYR A 7 -6.32 -15.30 -12.95
CA TYR A 7 -5.29 -14.27 -12.74
C TYR A 7 -4.59 -14.31 -11.37
N LYS A 8 -4.94 -15.28 -10.50
CA LYS A 8 -4.20 -15.57 -9.26
C LYS A 8 -3.43 -16.89 -9.32
N LYS A 9 -3.43 -17.57 -10.47
CA LYS A 9 -2.65 -18.81 -10.64
C LYS A 9 -1.42 -18.57 -11.52
N ILE A 10 -0.29 -19.20 -11.17
CA ILE A 10 0.95 -19.06 -11.92
C ILE A 10 1.17 -20.36 -12.73
N PRO A 11 0.88 -20.33 -14.04
CA PRO A 11 0.87 -21.56 -14.82
C PRO A 11 2.27 -22.13 -15.03
N GLY A 12 2.37 -23.46 -14.97
CA GLY A 12 3.65 -24.15 -15.01
C GLY A 12 4.28 -24.35 -13.65
N THR A 13 3.56 -23.95 -12.59
CA THR A 13 3.99 -24.13 -11.20
C THR A 13 2.80 -24.63 -10.36
N GLY A 14 3.08 -24.97 -9.11
CA GLY A 14 2.04 -25.23 -8.13
C GLY A 14 1.86 -24.03 -7.21
N PHE A 15 1.96 -22.82 -7.76
CA PHE A 15 1.90 -21.59 -6.92
C PHE A 15 0.63 -20.79 -7.16
N THR A 16 0.11 -20.15 -6.10
CA THR A 16 -0.89 -19.09 -6.26
C THR A 16 -0.39 -17.84 -5.55
N VAL A 17 -1.06 -16.75 -5.84
CA VAL A 17 -0.74 -15.42 -5.27
C VAL A 17 -2.03 -14.81 -4.70
N ASP A 18 -1.99 -14.50 -3.40
CA ASP A 18 -3.08 -13.77 -2.71
C ASP A 18 -4.42 -14.51 -2.87
N ALA A 19 -4.36 -15.82 -2.63
CA ALA A 19 -5.48 -16.73 -2.91
C ALA A 19 -5.84 -17.60 -1.69
N PHE A 20 -6.31 -16.95 -0.63
CA PHE A 20 -6.56 -17.63 0.64
C PHE A 20 -8.04 -17.76 0.99
N GLN A 21 -8.93 -17.30 0.11
CA GLN A 21 -10.38 -17.24 0.39
C GLN A 21 -11.20 -18.28 -0.40
N TYR A 22 -10.53 -19.27 -0.98
CA TYR A 22 -11.18 -20.24 -1.85
C TYR A 22 -11.07 -21.67 -1.31
N GLY A 23 -10.68 -21.81 -0.04
CA GLY A 23 -10.40 -23.12 0.53
C GLY A 23 -9.14 -23.71 -0.08
N VAL A 24 -9.07 -25.04 -0.12
CA VAL A 24 -7.89 -25.74 -0.62
C VAL A 24 -7.88 -25.66 -2.15
N VAL A 25 -6.89 -24.97 -2.71
CA VAL A 25 -6.81 -24.78 -4.17
C VAL A 25 -6.15 -25.99 -4.80
N GLU A 26 -6.80 -26.55 -5.83
CA GLU A 26 -6.36 -27.82 -6.43
C GLU A 26 -5.03 -27.63 -7.15
N GLY A 27 -4.02 -28.35 -6.67
CA GLY A 27 -2.69 -28.34 -7.25
C GLY A 27 -1.70 -27.38 -6.60
N CYS A 28 -2.14 -26.61 -5.59
CA CYS A 28 -1.28 -25.60 -4.95
C CYS A 28 -0.42 -26.17 -3.82
N THR A 29 0.90 -26.17 -4.05
CA THR A 29 1.92 -26.60 -3.08
C THR A 29 2.55 -25.46 -2.25
N ALA A 30 2.42 -24.22 -2.72
CA ALA A 30 2.86 -23.02 -1.98
C ALA A 30 2.00 -21.80 -2.33
N TYR A 31 1.58 -21.07 -1.28
CA TYR A 31 0.70 -19.92 -1.40
C TYR A 31 1.55 -18.68 -1.10
N PHE A 32 1.68 -17.79 -2.09
CA PHE A 32 2.41 -16.51 -1.87
C PHE A 32 1.44 -15.43 -1.41
N LEU A 33 1.91 -14.56 -0.50
CA LEU A 33 1.16 -13.41 -0.05
C LEU A 33 1.99 -12.15 -0.30
N THR A 34 1.50 -11.26 -1.16
CA THR A 34 2.27 -10.07 -1.55
C THR A 34 2.36 -9.03 -0.42
N HIS A 35 1.28 -8.88 0.36
CA HIS A 35 1.24 -7.88 1.46
C HIS A 35 0.08 -8.08 2.40
N PHE A 36 0.19 -7.45 3.57
CA PHE A 36 -0.82 -7.61 4.65
C PHE A 36 -1.96 -6.56 4.55
N HIS A 37 -2.77 -6.65 3.50
CA HIS A 37 -4.03 -5.90 3.36
C HIS A 37 -5.17 -6.93 3.28
N SER A 38 -6.32 -6.61 3.86
CA SER A 38 -7.32 -7.65 4.14
C SER A 38 -7.92 -8.30 2.89
N ASP A 39 -8.10 -7.54 1.80
CA ASP A 39 -8.60 -8.12 0.53
C ASP A 39 -7.63 -9.21 -0.01
N HIS A 40 -6.34 -9.09 0.32
CA HIS A 40 -5.31 -10.03 -0.15
C HIS A 40 -5.10 -11.23 0.76
N TYR A 41 -5.07 -11.03 2.08
CA TYR A 41 -4.94 -12.16 3.04
C TYR A 41 -6.23 -12.90 3.44
N ALA A 42 -7.39 -12.43 2.98
CA ALA A 42 -8.70 -12.98 3.45
C ALA A 42 -8.73 -14.51 3.43
N GLY A 43 -8.84 -15.14 4.61
CA GLY A 43 -8.84 -16.59 4.77
C GLY A 43 -7.79 -17.15 5.73
N LEU A 44 -6.66 -16.48 5.89
CA LEU A 44 -5.59 -16.96 6.78
C LEU A 44 -5.93 -16.89 8.28
N SER A 45 -5.55 -17.91 9.04
CA SER A 45 -5.79 -17.98 10.49
C SER A 45 -4.86 -19.01 11.12
N LYS A 46 -5.02 -19.27 12.43
CA LYS A 46 -4.26 -20.34 13.12
C LYS A 46 -4.47 -21.76 12.59
N HIS A 47 -5.53 -21.95 11.81
CA HIS A 47 -5.90 -23.27 11.29
C HIS A 47 -5.31 -23.58 9.92
N PHE A 48 -4.58 -22.61 9.34
CA PHE A 48 -3.97 -22.80 8.00
C PHE A 48 -2.76 -23.69 8.11
N THR A 49 -2.69 -24.75 7.27
CA THR A 49 -1.60 -25.73 7.35
C THR A 49 -0.90 -26.00 6.00
N PHE A 50 -0.88 -25.01 5.09
CA PHE A 50 -0.07 -25.09 3.87
C PHE A 50 1.04 -24.02 3.95
N PRO A 51 2.15 -24.20 3.21
CA PRO A 51 3.26 -23.24 3.28
C PRO A 51 2.88 -21.84 2.73
N VAL A 52 3.26 -20.81 3.47
CA VAL A 52 3.02 -19.43 3.06
C VAL A 52 4.36 -18.73 2.83
N TYR A 53 4.57 -18.18 1.64
CA TYR A 53 5.81 -17.46 1.31
C TYR A 53 5.53 -15.96 1.22
N CYS A 54 6.39 -15.16 1.83
CA CYS A 54 6.14 -13.71 2.01
C CYS A 54 7.39 -13.00 2.51
N SER A 55 7.34 -11.68 2.65
CA SER A 55 8.46 -10.92 3.28
C SER A 55 8.54 -11.17 4.80
N GLU A 56 9.64 -10.73 5.42
CA GLU A 56 9.83 -10.85 6.87
C GLU A 56 8.73 -10.05 7.60
N ILE A 57 8.50 -8.82 7.18
CA ILE A 57 7.46 -7.99 7.81
C ILE A 57 6.06 -8.61 7.69
N THR A 58 5.70 -9.09 6.51
CA THR A 58 4.40 -9.76 6.35
C THR A 58 4.31 -10.98 7.29
N GLY A 59 5.42 -11.73 7.40
CA GLY A 59 5.53 -12.84 8.32
C GLY A 59 5.29 -12.48 9.79
N ASN A 60 5.88 -11.37 10.23
CA ASN A 60 5.65 -10.89 11.62
C ASN A 60 4.15 -10.64 11.87
N LEU A 61 3.47 -10.04 10.88
CA LEU A 61 2.04 -9.75 10.99
C LEU A 61 1.17 -11.02 10.96
N LEU A 62 1.52 -12.00 10.13
CA LEU A 62 0.78 -13.28 10.10
C LEU A 62 0.82 -13.99 11.47
N LYS A 63 2.01 -14.01 12.05
CA LYS A 63 2.27 -14.66 13.34
C LYS A 63 1.55 -13.93 14.48
N ASN A 64 1.76 -12.62 14.60
CA ASN A 64 1.28 -11.87 15.77
C ASN A 64 -0.18 -11.42 15.66
N LYS A 65 -0.65 -11.02 14.48
CA LYS A 65 -2.03 -10.54 14.32
C LYS A 65 -3.02 -11.64 13.96
N LEU A 66 -2.64 -12.58 13.09
CA LEU A 66 -3.56 -13.65 12.65
C LEU A 66 -3.34 -15.01 13.34
N HIS A 67 -2.26 -15.10 14.13
N HIS A 67 -2.27 -15.12 14.12
CA HIS A 67 -1.83 -16.31 14.85
CA HIS A 67 -1.96 -16.32 14.89
C HIS A 67 -1.61 -17.53 13.99
C HIS A 67 -1.61 -17.55 14.00
N VAL A 68 -0.99 -17.31 12.83
CA VAL A 68 -0.56 -18.41 11.93
C VAL A 68 0.63 -19.10 12.60
N GLN A 69 0.65 -20.43 12.54
CA GLN A 69 1.70 -21.17 13.22
C GLN A 69 3.04 -20.97 12.52
N GLU A 70 4.08 -20.79 13.33
CA GLU A 70 5.46 -20.54 12.91
C GLU A 70 5.98 -21.54 11.87
N GLN A 71 5.56 -22.80 11.98
CA GLN A 71 5.98 -23.87 11.06
C GLN A 71 5.53 -23.67 9.61
N TYR A 72 4.48 -22.89 9.38
CA TYR A 72 3.95 -22.63 8.04
C TYR A 72 4.34 -21.28 7.42
N ILE A 73 5.10 -20.46 8.16
CA ILE A 73 5.51 -19.13 7.67
C ILE A 73 6.93 -19.23 7.12
N HIS A 74 7.08 -18.96 5.81
CA HIS A 74 8.36 -18.96 5.14
C HIS A 74 8.77 -17.53 4.68
N PRO A 75 9.46 -16.77 5.54
CA PRO A 75 9.92 -15.43 5.10
C PRO A 75 11.11 -15.53 4.14
N LEU A 76 11.14 -14.69 3.12
CA LEU A 76 12.27 -14.58 2.20
C LEU A 76 12.85 -13.17 2.23
N PRO A 77 14.19 -13.05 2.10
CA PRO A 77 14.84 -11.76 2.00
C PRO A 77 14.54 -11.15 0.63
N LEU A 78 14.63 -9.84 0.53
CA LEU A 78 14.47 -9.13 -0.74
C LEU A 78 15.73 -9.21 -1.59
N ASP A 79 15.55 -9.00 -2.89
CA ASP A 79 16.65 -8.81 -3.83
C ASP A 79 17.62 -10.00 -3.85
N THR A 80 17.07 -11.21 -3.62
CA THR A 80 17.90 -12.43 -3.44
C THR A 80 17.26 -13.61 -4.18
N GLU A 81 18.02 -14.24 -5.06
CA GLU A 81 17.57 -15.45 -5.75
C GLU A 81 17.36 -16.60 -4.76
N CYS A 82 16.13 -17.13 -4.71
CA CYS A 82 15.69 -18.17 -3.80
C CYS A 82 15.06 -19.31 -4.59
N ILE A 83 15.28 -20.57 -4.18
CA ILE A 83 14.62 -21.71 -4.83
C ILE A 83 13.48 -22.20 -3.93
N VAL A 84 12.27 -22.21 -4.45
CA VAL A 84 11.09 -22.68 -3.72
C VAL A 84 10.47 -23.80 -4.54
N ASN A 85 10.37 -25.00 -3.95
CA ASN A 85 9.76 -26.16 -4.64
C ASN A 85 10.26 -26.33 -6.09
N GLY A 86 11.59 -26.25 -6.23
CA GLY A 86 12.27 -26.38 -7.53
C GLY A 86 12.22 -25.23 -8.51
N VAL A 87 11.73 -24.06 -8.09
CA VAL A 87 11.56 -22.90 -8.98
C VAL A 87 12.29 -21.68 -8.40
N LYS A 88 13.09 -20.98 -9.22
CA LYS A 88 13.77 -19.77 -8.78
C LYS A 88 12.79 -18.60 -8.71
N VAL A 89 12.77 -17.93 -7.56
CA VAL A 89 11.98 -16.70 -7.34
C VAL A 89 12.81 -15.57 -6.73
N VAL A 90 12.35 -14.32 -6.93
CA VAL A 90 12.92 -13.14 -6.26
C VAL A 90 11.79 -12.26 -5.74
N LEU A 91 11.93 -11.74 -4.53
CA LEU A 91 11.03 -10.72 -4.02
C LEU A 91 11.67 -9.33 -4.12
N LEU A 92 10.87 -8.35 -4.59
CA LEU A 92 11.31 -6.98 -4.78
C LEU A 92 10.39 -6.01 -4.04
N ASP A 93 10.94 -4.89 -3.58
CA ASP A 93 10.11 -3.91 -2.87
C ASP A 93 9.07 -3.31 -3.82
N ALA A 94 7.81 -3.29 -3.38
CA ALA A 94 6.69 -2.78 -4.20
C ALA A 94 6.41 -1.30 -4.01
N ASN A 95 7.09 -0.63 -3.07
CA ASN A 95 6.73 0.79 -2.75
C ASN A 95 5.22 0.98 -2.57
N HIS A 96 4.64 0.09 -1.76
CA HIS A 96 3.22 0.11 -1.36
C HIS A 96 3.23 0.35 0.18
N CYS A 97 2.79 -0.61 0.98
CA CYS A 97 2.78 -0.51 2.45
C CYS A 97 3.95 -1.32 2.98
N PRO A 98 4.25 -1.20 4.30
CA PRO A 98 5.37 -1.97 4.85
C PRO A 98 5.25 -3.46 4.61
N GLY A 99 6.35 -4.08 4.15
CA GLY A 99 6.36 -5.52 3.85
C GLY A 99 5.84 -5.94 2.47
N ALA A 100 5.32 -4.99 1.69
CA ALA A 100 4.73 -5.32 0.39
C ALA A 100 5.79 -5.63 -0.66
N VAL A 101 5.58 -6.71 -1.42
CA VAL A 101 6.53 -7.12 -2.47
C VAL A 101 5.88 -7.38 -3.83
N MET A 102 6.73 -7.27 -4.85
CA MET A 102 6.51 -7.85 -6.17
C MET A 102 7.28 -9.17 -6.21
N ILE A 103 6.81 -10.12 -7.03
CA ILE A 103 7.44 -11.44 -7.14
C ILE A 103 7.84 -11.74 -8.61
N LEU A 104 9.11 -12.03 -8.80
CA LEU A 104 9.64 -12.55 -10.09
C LEU A 104 9.69 -14.08 -10.03
N PHE A 105 9.06 -14.75 -10.98
CA PHE A 105 9.08 -16.20 -11.11
C PHE A 105 9.85 -16.59 -12.41
N TYR A 106 10.87 -17.43 -12.27
CA TYR A 106 11.63 -17.98 -13.41
C TYR A 106 11.13 -19.42 -13.67
N LEU A 107 10.22 -19.56 -14.62
CA LEU A 107 9.51 -20.84 -14.83
C LEU A 107 10.45 -21.87 -15.45
N PRO A 108 10.27 -23.18 -15.16
CA PRO A 108 11.11 -24.22 -15.75
C PRO A 108 11.24 -24.15 -17.28
N ASN A 109 10.17 -23.76 -17.99
CA ASN A 109 10.21 -23.66 -19.46
C ASN A 109 10.96 -22.44 -20.05
N GLY A 110 11.53 -21.56 -19.21
CA GLY A 110 12.27 -20.37 -19.68
C GLY A 110 11.50 -19.04 -19.70
N THR A 111 10.19 -19.11 -19.46
CA THR A 111 9.32 -17.92 -19.37
C THR A 111 9.64 -17.22 -18.05
N VAL A 112 9.55 -15.89 -18.03
CA VAL A 112 9.74 -15.10 -16.79
C VAL A 112 8.46 -14.28 -16.55
N ILE A 113 7.94 -14.36 -15.33
CA ILE A 113 6.70 -13.67 -14.94
C ILE A 113 7.01 -12.68 -13.79
N LEU A 114 6.48 -11.45 -13.91
CA LEU A 114 6.48 -10.49 -12.78
C LEU A 114 5.06 -10.29 -12.30
N HIS A 115 4.82 -10.51 -11.01
CA HIS A 115 3.54 -10.16 -10.37
C HIS A 115 3.81 -8.94 -9.50
N THR A 116 3.15 -7.80 -9.76
CA THR A 116 3.44 -6.56 -9.00
C THR A 116 2.80 -6.50 -7.60
N GLY A 117 1.86 -7.39 -7.31
CA GLY A 117 1.00 -7.22 -6.14
C GLY A 117 0.36 -5.86 -6.29
N ASP A 118 0.19 -5.17 -5.16
CA ASP A 118 -0.09 -3.73 -5.18
C ASP A 118 1.25 -2.97 -5.19
N PHE A 119 1.39 -1.96 -6.05
CA PHE A 119 2.63 -1.19 -6.15
C PHE A 119 2.40 0.29 -6.50
N ARG A 120 3.34 1.15 -6.13
CA ARG A 120 3.47 2.49 -6.67
C ARG A 120 4.77 2.57 -7.48
N ALA A 121 4.64 2.41 -8.79
CA ALA A 121 5.78 2.42 -9.68
C ALA A 121 6.67 3.64 -9.50
N ASP A 122 7.98 3.39 -9.56
CA ASP A 122 8.98 4.45 -9.37
C ASP A 122 10.15 4.19 -10.30
N PRO A 123 10.82 5.27 -10.80
CA PRO A 123 12.00 5.07 -11.65
C PRO A 123 13.12 4.25 -11.01
N SER A 124 13.23 4.27 -9.68
CA SER A 124 14.24 3.45 -8.99
C SER A 124 14.10 1.94 -9.24
N MET A 125 12.89 1.48 -9.59
CA MET A 125 12.66 0.07 -9.95
C MET A 125 13.37 -0.32 -11.25
N GLU A 126 13.71 0.66 -12.08
CA GLU A 126 14.43 0.43 -13.34
C GLU A 126 15.93 0.05 -13.07
N ARG A 127 16.38 0.14 -11.81
CA ARG A 127 17.72 -0.31 -11.38
C ARG A 127 17.72 -1.36 -10.26
N SER A 128 16.63 -2.13 -10.18
CA SER A 128 16.54 -3.34 -9.40
C SER A 128 17.09 -4.51 -10.25
N LEU A 129 16.95 -5.74 -9.73
CA LEU A 129 17.18 -6.96 -10.50
C LEU A 129 16.30 -7.10 -11.76
N LEU A 130 15.26 -6.27 -11.92
CA LEU A 130 14.53 -6.20 -13.19
C LEU A 130 15.33 -5.71 -14.40
N ALA A 131 16.43 -4.99 -14.15
CA ALA A 131 17.22 -4.38 -15.23
C ALA A 131 17.75 -5.44 -16.18
N ASP A 132 17.47 -5.23 -17.46
CA ASP A 132 17.86 -6.13 -18.53
C ASP A 132 17.24 -7.54 -18.43
N GLN A 133 16.14 -7.67 -17.68
CA GLN A 133 15.47 -8.95 -17.49
C GLN A 133 14.31 -8.95 -18.46
N LYS A 134 14.31 -9.88 -19.41
CA LYS A 134 13.14 -10.05 -20.24
C LYS A 134 11.99 -10.62 -19.39
N VAL A 135 10.80 -10.02 -19.50
CA VAL A 135 9.59 -10.48 -18.84
C VAL A 135 8.52 -10.80 -19.88
N HIS A 136 8.01 -12.03 -19.82
CA HIS A 136 7.03 -12.49 -20.81
C HIS A 136 5.59 -12.17 -20.38
N MET A 137 5.31 -12.21 -19.09
CA MET A 137 3.97 -11.89 -18.59
C MET A 137 4.08 -10.98 -17.38
N LEU A 138 3.28 -9.91 -17.39
CA LEU A 138 3.16 -8.98 -16.26
C LEU A 138 1.74 -9.03 -15.68
N TYR A 139 1.65 -9.35 -14.39
CA TYR A 139 0.39 -9.31 -13.66
C TYR A 139 0.40 -7.93 -12.94
N LEU A 140 -0.42 -6.99 -13.42
CA LEU A 140 -0.25 -5.57 -13.12
C LEU A 140 -1.37 -5.00 -12.22
N ASP A 141 -0.96 -4.34 -11.13
CA ASP A 141 -1.88 -3.48 -10.33
C ASP A 141 -2.29 -2.29 -11.20
N THR A 142 -3.54 -2.36 -11.71
CA THR A 142 -4.14 -1.38 -12.58
C THR A 142 -5.22 -0.50 -11.87
N THR A 143 -5.07 -0.31 -10.54
CA THR A 143 -6.03 0.48 -9.71
C THR A 143 -6.39 1.81 -10.38
N TYR A 144 -5.38 2.55 -10.87
CA TYR A 144 -5.54 3.88 -11.42
C TYR A 144 -5.12 3.97 -12.90
N CYS A 145 -5.50 2.95 -13.68
CA CYS A 145 -5.15 2.89 -15.12
C CYS A 145 -6.13 3.70 -15.99
N SER A 146 -6.10 5.01 -15.84
CA SER A 146 -6.88 5.96 -16.69
C SER A 146 -6.29 7.37 -16.47
N PRO A 147 -6.16 8.20 -17.53
CA PRO A 147 -5.43 9.47 -17.41
C PRO A 147 -5.99 10.50 -16.44
N GLU A 148 -7.27 10.38 -16.09
CA GLU A 148 -7.84 11.29 -15.11
C GLU A 148 -7.26 11.07 -13.72
N TYR A 149 -6.67 9.90 -13.46
CA TYR A 149 -6.12 9.66 -12.13
C TYR A 149 -4.74 10.30 -11.99
N THR A 150 -4.74 11.51 -11.42
CA THR A 150 -3.55 12.30 -11.10
C THR A 150 -3.56 12.58 -9.59
N PHE A 151 -2.37 12.69 -9.03
CA PHE A 151 -2.19 13.09 -7.64
C PHE A 151 -0.72 13.46 -7.38
N PRO A 152 -0.44 14.18 -6.28
CA PRO A 152 0.95 14.59 -6.03
C PRO A 152 1.89 13.46 -5.57
N SER A 153 3.18 13.77 -5.53
CA SER A 153 4.17 12.87 -4.93
C SER A 153 3.88 12.76 -3.43
N GLN A 154 4.31 11.65 -2.83
CA GLN A 154 4.17 11.45 -1.38
C GLN A 154 4.94 12.53 -0.60
N GLN A 155 6.13 12.87 -1.10
CA GLN A 155 6.98 13.95 -0.54
C GLN A 155 6.24 15.29 -0.45
N GLU A 156 5.56 15.70 -1.52
CA GLU A 156 4.77 16.95 -1.53
C GLU A 156 3.59 16.92 -0.56
N VAL A 157 2.92 15.77 -0.42
CA VAL A 157 1.79 15.64 0.48
C VAL A 157 2.25 15.75 1.93
N ILE A 158 3.36 15.10 2.25
CA ILE A 158 3.94 15.16 3.60
C ILE A 158 4.42 16.57 3.97
N ARG A 159 5.05 17.26 3.02
CA ARG A 159 5.41 18.68 3.21
C ARG A 159 4.21 19.53 3.62
N PHE A 160 3.09 19.40 2.89
CA PHE A 160 1.83 20.10 3.24
C PHE A 160 1.31 19.76 4.65
N ALA A 161 1.32 18.47 4.99
CA ALA A 161 0.84 18.04 6.31
C ALA A 161 1.73 18.60 7.45
N ILE A 162 3.05 18.50 7.29
CA ILE A 162 4.01 19.00 8.32
C ILE A 162 3.81 20.50 8.53
N ASN A 163 3.79 21.24 7.44
CA ASN A 163 3.68 22.73 7.53
C ASN A 163 2.33 23.16 8.11
N THR A 164 1.25 22.50 7.68
CA THR A 164 -0.09 22.76 8.21
C THR A 164 -0.19 22.50 9.72
N ALA A 165 0.29 21.33 10.17
CA ALA A 165 0.32 20.99 11.59
C ALA A 165 1.20 21.92 12.45
N PHE A 166 2.42 22.18 11.98
CA PHE A 166 3.36 23.02 12.74
C PHE A 166 2.80 24.44 12.89
N GLU A 167 2.21 24.97 11.81
CA GLU A 167 1.60 26.30 11.88
C GLU A 167 0.47 26.38 12.91
N ALA A 168 -0.43 25.40 12.90
CA ALA A 168 -1.60 25.42 13.77
C ALA A 168 -1.26 25.31 15.26
N VAL A 169 -0.30 24.44 15.59
CA VAL A 169 0.08 24.19 16.98
C VAL A 169 0.99 25.32 17.52
N THR A 170 1.75 25.96 16.62
CA THR A 170 2.52 27.15 17.00
C THR A 170 1.60 28.34 17.27
N LEU A 171 0.53 28.49 16.50
CA LEU A 171 -0.45 29.56 16.79
C LEU A 171 -1.24 29.24 18.05
N ASN A 172 -1.61 27.96 18.23
CA ASN A 172 -2.36 27.50 19.39
C ASN A 172 -1.72 26.26 20.03
N PRO A 173 -0.87 26.47 21.06
CA PRO A 173 -0.23 25.35 21.79
C PRO A 173 -1.19 24.35 22.46
N HIS A 174 -2.46 24.72 22.62
CA HIS A 174 -3.48 23.82 23.16
C HIS A 174 -4.30 23.06 22.10
N ALA A 175 -3.86 23.05 20.84
CA ALA A 175 -4.50 22.23 19.79
C ALA A 175 -3.99 20.77 19.84
N LEU A 176 -4.89 19.84 19.52
CA LEU A 176 -4.57 18.41 19.36
C LEU A 176 -4.58 18.07 17.88
N VAL A 177 -3.63 17.26 17.44
CA VAL A 177 -3.64 16.74 16.07
C VAL A 177 -4.10 15.27 16.10
N VAL A 178 -5.04 14.94 15.22
CA VAL A 178 -5.57 13.57 15.07
C VAL A 178 -5.36 13.08 13.64
N CYS A 179 -4.95 11.81 13.49
N CYS A 179 -4.93 11.83 13.49
CA CYS A 179 -4.74 11.18 12.19
CA CYS A 179 -4.78 11.20 12.16
C CYS A 179 -5.56 9.88 12.08
C CYS A 179 -5.63 9.94 12.11
N GLY A 180 -6.27 9.71 10.97
CA GLY A 180 -7.10 8.51 10.74
C GLY A 180 -6.32 7.34 10.14
N THR A 181 -6.68 6.11 10.53
CA THR A 181 -6.08 4.88 9.96
C THR A 181 -7.07 3.71 9.94
N TYR A 182 -6.99 2.84 8.93
CA TYR A 182 -7.80 1.59 8.91
C TYR A 182 -7.06 0.29 8.51
N SER A 183 -5.76 0.41 8.27
CA SER A 183 -4.93 -0.66 7.78
C SER A 183 -3.48 -0.19 7.91
N ILE A 184 -2.54 -1.07 7.61
CA ILE A 184 -1.14 -0.66 7.50
C ILE A 184 -0.96 0.12 6.18
N GLY A 185 0.12 0.85 6.11
CA GLY A 185 0.36 1.82 5.02
C GLY A 185 0.16 3.27 5.48
N LYS A 186 0.86 4.19 4.81
CA LYS A 186 0.70 5.65 4.99
C LYS A 186 1.20 6.12 6.39
N GLU A 187 2.06 5.32 7.02
CA GLU A 187 2.58 5.62 8.36
C GLU A 187 3.36 6.94 8.40
N LYS A 188 4.03 7.29 7.30
CA LYS A 188 4.76 8.58 7.21
C LYS A 188 3.90 9.81 7.57
N VAL A 189 2.59 9.78 7.28
CA VAL A 189 1.73 10.91 7.60
C VAL A 189 1.82 11.27 9.09
N PHE A 190 1.50 10.31 9.96
CA PHE A 190 1.49 10.57 11.41
C PHE A 190 2.92 10.63 11.99
N LEU A 191 3.83 9.83 11.48
CA LEU A 191 5.22 9.90 11.98
C LEU A 191 5.90 11.26 11.69
N ALA A 192 5.73 11.79 10.46
CA ALA A 192 6.32 13.07 10.09
C ALA A 192 5.74 14.25 10.89
N ILE A 193 4.42 14.24 11.11
CA ILE A 193 3.75 15.29 11.91
C ILE A 193 4.26 15.23 13.36
N ALA A 194 4.32 14.04 13.96
CA ALA A 194 4.76 13.93 15.37
C ALA A 194 6.21 14.37 15.53
N ASP A 195 7.05 14.04 14.56
CA ASP A 195 8.46 14.42 14.59
C ASP A 195 8.62 15.96 14.61
N VAL A 196 7.86 16.68 13.79
CA VAL A 196 8.00 18.15 13.76
C VAL A 196 7.51 18.79 15.06
N LEU A 197 6.48 18.19 15.66
CA LEU A 197 5.89 18.68 16.91
C LEU A 197 6.60 18.18 18.18
N GLY A 198 7.65 17.37 18.05
CA GLY A 198 8.36 16.83 19.23
C GLY A 198 7.54 15.97 20.16
N SER A 199 6.64 15.18 19.59
CA SER A 199 5.70 14.35 20.32
C SER A 199 5.86 12.90 19.84
N LYS A 200 5.56 11.95 20.72
CA LYS A 200 5.25 10.57 20.31
C LYS A 200 3.82 10.53 19.80
N VAL A 201 3.51 9.48 19.03
CA VAL A 201 2.17 9.26 18.50
C VAL A 201 1.42 8.32 19.43
N GLY A 202 0.27 8.74 19.95
CA GLY A 202 -0.54 7.96 20.86
C GLY A 202 -1.60 7.15 20.15
N MET A 203 -1.81 5.89 20.55
CA MET A 203 -2.76 5.00 19.88
C MET A 203 -3.28 3.89 20.78
N SER A 204 -4.26 3.13 20.28
CA SER A 204 -4.76 1.93 21.00
C SER A 204 -3.70 0.83 21.12
N GLN A 205 -3.94 -0.10 22.06
CA GLN A 205 -3.05 -1.27 22.20
C GLN A 205 -2.96 -2.11 20.91
N GLU A 206 -4.09 -2.26 20.23
CA GLU A 206 -4.17 -3.04 18.97
C GLU A 206 -3.35 -2.40 17.84
N LYS A 207 -3.45 -1.08 17.68
CA LYS A 207 -2.64 -0.40 16.66
C LYS A 207 -1.15 -0.40 17.02
N TYR A 208 -0.83 -0.19 18.31
CA TYR A 208 0.55 -0.29 18.78
C TYR A 208 1.16 -1.66 18.42
N LYS A 209 0.41 -2.74 18.67
CA LYS A 209 0.81 -4.11 18.31
C LYS A 209 1.21 -4.23 16.85
N THR A 210 0.35 -3.71 15.98
CA THR A 210 0.55 -3.76 14.54
C THR A 210 1.85 -3.02 14.14
N LEU A 211 2.04 -1.80 14.62
CA LEU A 211 3.26 -1.05 14.31
C LEU A 211 4.54 -1.72 14.85
N GLN A 212 4.43 -2.38 15.99
CA GLN A 212 5.56 -3.16 16.53
C GLN A 212 6.02 -4.34 15.63
N CYS A 213 5.18 -4.78 14.70
CA CYS A 213 5.58 -5.80 13.68
C CYS A 213 6.35 -5.30 12.44
N LEU A 214 6.50 -3.99 12.25
CA LEU A 214 6.94 -3.41 10.96
C LEU A 214 8.43 -3.09 10.72
N ASN A 215 9.33 -3.52 11.60
CA ASN A 215 10.78 -3.21 11.49
C ASN A 215 11.14 -1.74 11.20
N ILE A 216 10.39 -0.81 11.78
CA ILE A 216 10.68 0.61 11.62
C ILE A 216 11.78 0.94 12.61
N PRO A 217 12.92 1.47 12.14
CA PRO A 217 14.01 1.84 13.05
C PRO A 217 13.58 2.80 14.17
N GLU A 218 14.07 2.51 15.38
CA GLU A 218 13.82 3.30 16.59
C GLU A 218 12.34 3.50 16.96
N ILE A 219 11.48 2.56 16.58
CA ILE A 219 10.02 2.68 16.81
C ILE A 219 9.63 2.95 18.27
N ASN A 220 10.33 2.34 19.24
CA ASN A 220 10.00 2.55 20.66
C ASN A 220 10.08 4.03 21.06
N SER A 221 10.95 4.78 20.37
CA SER A 221 11.07 6.22 20.55
C SER A 221 9.95 7.05 19.91
N LEU A 222 9.12 6.45 19.03
CA LEU A 222 8.16 7.21 18.20
C LEU A 222 6.68 7.06 18.56
N ILE A 223 6.30 5.97 19.23
CA ILE A 223 4.90 5.64 19.48
C ILE A 223 4.69 5.26 20.94
N THR A 224 3.43 5.30 21.35
CA THR A 224 3.08 4.99 22.75
C THR A 224 1.60 4.69 22.90
N THR A 225 1.24 3.93 23.94
CA THR A 225 -0.16 3.69 24.33
C THR A 225 -0.68 4.71 25.37
N ASP A 226 0.22 5.54 25.91
CA ASP A 226 -0.19 6.56 26.88
C ASP A 226 -0.71 7.79 26.14
N MET A 227 -2.03 7.88 26.00
CA MET A 227 -2.68 8.94 25.22
C MET A 227 -2.46 10.34 25.82
N CYS A 228 -2.34 10.41 27.15
CA CYS A 228 -2.20 11.68 27.85
C CYS A 228 -0.85 12.37 27.60
N SER A 229 0.21 11.58 27.38
CA SER A 229 1.55 12.12 27.12
C SER A 229 1.80 12.63 25.69
N SER A 230 0.83 12.44 24.80
CA SER A 230 1.02 12.65 23.35
C SER A 230 0.08 13.75 22.85
N LEU A 231 0.54 14.57 21.88
CA LEU A 231 -0.34 15.55 21.19
C LEU A 231 -0.61 15.24 19.72
N VAL A 232 -0.24 14.03 19.29
CA VAL A 232 -0.67 13.47 18.00
C VAL A 232 -1.33 12.13 18.31
N HIS A 233 -2.62 12.02 18.05
CA HIS A 233 -3.37 10.79 18.33
C HIS A 233 -3.82 10.09 17.05
N LEU A 234 -3.72 8.76 17.02
CA LEU A 234 -4.29 7.95 15.95
C LEU A 234 -5.64 7.40 16.33
N LEU A 235 -6.59 7.51 15.41
CA LEU A 235 -7.93 6.96 15.63
C LEU A 235 -8.37 6.16 14.42
N PRO A 236 -9.28 5.18 14.64
CA PRO A 236 -9.86 4.51 13.47
C PRO A 236 -10.46 5.52 12.52
N MET A 237 -10.35 5.25 11.24
CA MET A 237 -10.72 6.21 10.18
C MET A 237 -12.19 6.63 10.24
N MET A 238 -13.06 5.72 10.66
CA MET A 238 -14.49 6.01 10.79
C MET A 238 -14.85 7.01 11.88
N GLN A 239 -13.92 7.26 12.80
CA GLN A 239 -14.07 8.26 13.86
C GLN A 239 -13.72 9.69 13.39
N ILE A 240 -13.14 9.83 12.20
CA ILE A 240 -12.68 11.15 11.70
C ILE A 240 -13.84 11.90 11.02
N ASN A 241 -14.73 12.42 11.87
CA ASN A 241 -15.90 13.23 11.47
C ASN A 241 -16.22 14.12 12.66
N PHE A 242 -17.12 15.08 12.47
CA PHE A 242 -17.38 16.07 13.53
C PHE A 242 -17.88 15.43 14.82
N LYS A 243 -18.81 14.49 14.71
CA LYS A 243 -19.36 13.76 15.88
C LYS A 243 -18.27 12.97 16.59
N GLY A 244 -17.53 12.19 15.83
CA GLY A 244 -16.48 11.34 16.39
C GLY A 244 -15.35 12.12 17.05
N LEU A 245 -14.99 13.24 16.45
CA LEU A 245 -13.90 14.10 16.98
C LEU A 245 -14.33 14.91 18.21
N GLN A 246 -15.58 15.42 18.20
CA GLN A 246 -16.18 16.08 19.38
C GLN A 246 -16.17 15.13 20.57
N SER A 247 -16.64 13.90 20.31
CA SER A 247 -16.64 12.83 21.29
C SER A 247 -15.23 12.59 21.85
N HIS A 248 -14.25 12.48 20.95
CA HIS A 248 -12.86 12.30 21.38
C HIS A 248 -12.31 13.45 22.23
N LEU A 249 -12.67 14.68 21.89
CA LEU A 249 -12.18 15.87 22.61
C LEU A 249 -12.63 15.90 24.07
N LYS A 250 -13.82 15.35 24.35
CA LYS A 250 -14.32 15.22 25.73
C LYS A 250 -13.42 14.32 26.61
N LYS A 251 -12.97 13.20 26.06
CA LYS A 251 -12.11 12.24 26.79
C LYS A 251 -10.77 12.80 27.30
N CYS A 252 -10.26 13.86 26.66
CA CYS A 252 -8.91 14.36 26.99
C CYS A 252 -8.81 15.20 28.27
N GLY A 253 -9.95 15.49 28.91
CA GLY A 253 -9.97 16.08 30.26
C GLY A 253 -9.65 17.56 30.30
N GLY A 254 -10.25 18.32 29.39
CA GLY A 254 -10.02 19.77 29.28
C GLY A 254 -8.58 20.17 29.04
N LYS A 255 -7.85 19.33 28.31
CA LYS A 255 -6.43 19.55 28.01
C LYS A 255 -6.25 20.32 26.69
N TYR A 256 -7.23 20.15 25.78
CA TYR A 256 -7.20 20.74 24.44
C TYR A 256 -8.47 21.50 24.15
N ASN A 257 -8.37 22.52 23.29
CA ASN A 257 -9.52 23.36 22.90
C ASN A 257 -9.70 23.51 21.38
N GLN A 258 -8.96 22.71 20.60
CA GLN A 258 -9.05 22.69 19.13
C GLN A 258 -8.55 21.32 18.65
N ILE A 259 -9.18 20.75 17.62
CA ILE A 259 -8.64 19.56 16.92
C ILE A 259 -8.39 19.93 15.46
N LEU A 260 -7.20 19.55 14.98
CA LEU A 260 -6.87 19.54 13.56
C LEU A 260 -6.71 18.06 13.21
N ALA A 261 -7.48 17.58 12.23
CA ALA A 261 -7.44 16.17 11.84
C ALA A 261 -7.08 16.00 10.37
N PHE A 262 -6.40 14.88 10.07
CA PHE A 262 -6.06 14.48 8.71
C PHE A 262 -6.70 13.12 8.40
N ARG A 263 -7.40 13.05 7.27
CA ARG A 263 -8.01 11.82 6.71
C ARG A 263 -7.24 11.50 5.43
N PRO A 264 -6.24 10.60 5.52
CA PRO A 264 -5.59 10.20 4.30
C PRO A 264 -6.57 9.39 3.43
N THR A 265 -6.66 9.77 2.16
CA THR A 265 -7.47 9.06 1.19
C THR A 265 -6.57 8.57 0.05
N GLY A 266 -7.18 7.84 -0.89
CA GLY A 266 -6.61 7.66 -2.22
C GLY A 266 -7.00 8.86 -3.09
N TRP A 267 -7.01 8.66 -4.42
CA TRP A 267 -7.49 9.68 -5.35
C TRP A 267 -8.94 10.06 -5.02
N THR A 268 -9.28 11.33 -5.19
CA THR A 268 -10.69 11.80 -5.17
C THR A 268 -10.85 12.80 -6.31
N HIS A 269 -12.08 13.07 -6.71
CA HIS A 269 -12.37 13.96 -7.84
C HIS A 269 -11.82 15.39 -7.73
N SER A 270 -11.69 15.91 -6.51
CA SER A 270 -11.17 17.27 -6.30
C SER A 270 -9.69 17.48 -6.71
N ASN A 271 -8.95 16.39 -6.95
CA ASN A 271 -7.60 16.47 -7.55
C ASN A 271 -7.60 17.03 -8.98
N LYS A 272 -8.71 16.87 -9.70
CA LYS A 272 -8.87 17.42 -11.05
C LYS A 272 -8.72 18.94 -11.12
N PHE A 273 -9.16 19.62 -10.06
CA PHE A 273 -9.18 21.08 -10.01
C PHE A 273 -8.11 21.67 -9.09
N THR A 274 -8.00 21.14 -7.87
CA THR A 274 -7.25 21.78 -6.78
C THR A 274 -5.83 21.22 -6.59
N ARG A 275 -4.84 22.10 -6.65
CA ARG A 275 -3.44 21.76 -6.29
C ARG A 275 -3.31 21.51 -4.78
N ILE A 276 -2.35 20.67 -4.40
CA ILE A 276 -2.15 20.28 -3.00
C ILE A 276 -1.98 21.51 -2.07
N ALA A 277 -1.26 22.52 -2.55
CA ALA A 277 -1.08 23.79 -1.82
C ALA A 277 -2.42 24.48 -1.47
N ASP A 278 -3.38 24.40 -2.41
CA ASP A 278 -4.67 25.11 -2.30
C ASP A 278 -5.76 24.33 -1.54
N VAL A 279 -5.42 23.19 -0.93
CA VAL A 279 -6.39 22.35 -0.23
C VAL A 279 -6.89 23.05 1.03
N ILE A 280 -8.21 23.02 1.22
CA ILE A 280 -8.84 23.63 2.39
C ILE A 280 -9.61 22.59 3.21
N PRO A 281 -9.73 22.81 4.53
CA PRO A 281 -10.45 21.85 5.36
C PRO A 281 -11.96 22.06 5.41
N GLN A 282 -12.66 21.03 5.90
CA GLN A 282 -14.03 21.13 6.42
C GLN A 282 -13.96 21.56 7.89
N THR A 283 -14.70 22.60 8.28
CA THR A 283 -14.61 23.16 9.62
C THR A 283 -15.99 23.29 10.30
N LYS A 284 -16.08 22.88 11.56
CA LYS A 284 -17.25 23.13 12.42
C LYS A 284 -16.78 23.58 13.80
N GLY A 285 -16.88 24.88 14.08
CA GLY A 285 -16.40 25.45 15.33
C GLY A 285 -14.90 25.24 15.46
N ASN A 286 -14.50 24.59 16.55
CA ASN A 286 -13.09 24.34 16.88
C ASN A 286 -12.52 23.01 16.32
N ILE A 287 -13.19 22.42 15.33
CA ILE A 287 -12.72 21.20 14.67
C ILE A 287 -12.52 21.43 13.19
N SER A 288 -11.34 21.07 12.67
CA SER A 288 -11.07 21.13 11.22
C SER A 288 -10.50 19.81 10.70
N ILE A 289 -11.02 19.35 9.56
CA ILE A 289 -10.64 18.08 8.93
C ILE A 289 -10.08 18.30 7.50
N TYR A 290 -8.82 17.86 7.28
CA TYR A 290 -8.18 17.91 5.95
C TYR A 290 -8.18 16.53 5.30
N GLY A 291 -8.71 16.41 4.10
CA GLY A 291 -8.58 15.19 3.29
C GLY A 291 -7.31 15.37 2.47
N ILE A 292 -6.36 14.42 2.59
CA ILE A 292 -5.10 14.54 1.82
C ILE A 292 -4.84 13.30 0.92
N PRO A 293 -4.53 13.53 -0.37
CA PRO A 293 -4.42 12.42 -1.32
C PRO A 293 -3.04 11.75 -1.29
N TYR A 294 -2.79 10.98 -0.24
CA TYR A 294 -1.55 10.25 -0.08
C TYR A 294 -1.77 8.85 -0.71
N SER A 295 -1.25 8.64 -1.93
CA SER A 295 -1.44 7.36 -2.62
C SER A 295 -0.29 6.38 -2.44
N GLU A 296 -0.63 5.10 -2.22
CA GLU A 296 0.35 3.98 -2.30
C GLU A 296 0.11 3.07 -3.54
N HIS A 297 -0.62 3.59 -4.54
CA HIS A 297 -0.73 3.01 -5.89
C HIS A 297 -0.21 3.97 -6.97
N SER A 298 0.30 3.40 -8.07
CA SER A 298 0.80 4.18 -9.22
C SER A 298 -0.26 5.18 -9.73
N SER A 299 0.16 6.41 -10.01
CA SER A 299 -0.63 7.28 -10.90
C SER A 299 -0.64 6.67 -12.33
N TYR A 300 -1.56 7.13 -13.18
CA TYR A 300 -1.53 6.70 -14.59
C TYR A 300 -0.15 6.91 -15.23
N LEU A 301 0.44 8.09 -15.05
CA LEU A 301 1.74 8.42 -15.66
C LEU A 301 2.89 7.56 -15.12
N GLU A 302 2.89 7.30 -13.81
CA GLU A 302 3.88 6.37 -13.23
C GLU A 302 3.78 4.93 -13.79
N MET A 303 2.55 4.44 -13.87
CA MET A 303 2.25 3.11 -14.44
C MET A 303 2.71 2.99 -15.90
N LYS A 304 2.36 3.99 -16.71
CA LYS A 304 2.73 4.04 -18.13
C LYS A 304 4.27 4.04 -18.29
N ARG A 305 4.97 4.81 -17.47
CA ARG A 305 6.43 4.86 -17.56
C ARG A 305 7.07 3.50 -17.27
N PHE A 306 6.62 2.85 -16.19
CA PHE A 306 7.13 1.55 -15.82
C PHE A 306 6.89 0.47 -16.89
N VAL A 307 5.67 0.42 -17.44
CA VAL A 307 5.32 -0.61 -18.43
C VAL A 307 6.07 -0.38 -19.76
N GLN A 308 6.16 0.87 -20.20
CA GLN A 308 6.94 1.20 -21.42
C GLN A 308 8.44 0.89 -21.25
N TRP A 309 8.96 0.98 -20.03
CA TRP A 309 10.35 0.57 -19.73
C TRP A 309 10.53 -0.95 -19.73
N LEU A 310 9.61 -1.65 -19.07
CA LEU A 310 9.70 -3.09 -18.90
C LEU A 310 9.49 -3.87 -20.22
N LYS A 311 8.60 -3.36 -21.07
CA LYS A 311 8.25 -3.97 -22.35
C LYS A 311 7.79 -5.43 -22.27
N PRO A 312 6.76 -5.71 -21.43
CA PRO A 312 6.33 -7.09 -21.30
C PRO A 312 5.63 -7.57 -22.57
N GLN A 313 5.73 -8.87 -22.86
CA GLN A 313 5.04 -9.42 -24.03
C GLN A 313 3.52 -9.47 -23.87
N LYS A 314 3.06 -9.73 -22.66
CA LYS A 314 1.63 -9.78 -22.34
C LYS A 314 1.40 -9.17 -20.98
N ILE A 315 0.21 -8.56 -20.78
CA ILE A 315 -0.18 -7.95 -19.51
C ILE A 315 -1.51 -8.54 -19.10
N ILE A 316 -1.61 -8.95 -17.84
CA ILE A 316 -2.84 -9.42 -17.23
C ILE A 316 -3.17 -8.46 -16.07
N PRO A 317 -4.24 -7.66 -16.21
CA PRO A 317 -4.62 -6.77 -15.08
C PRO A 317 -5.13 -7.54 -13.89
N THR A 318 -4.86 -7.04 -12.68
CA THR A 318 -5.38 -7.67 -11.45
C THR A 318 -6.42 -6.81 -10.69
N VAL A 319 -6.68 -5.60 -11.16
CA VAL A 319 -7.67 -4.66 -10.56
C VAL A 319 -8.56 -4.08 -11.66
N ASN A 320 -9.82 -3.82 -11.29
CA ASN A 320 -10.85 -3.30 -12.24
C ASN A 320 -11.19 -4.33 -13.33
N VAL A 321 -11.22 -5.59 -12.96
CA VAL A 321 -11.42 -6.66 -13.94
C VAL A 321 -12.88 -7.10 -14.11
N GLY A 322 -13.80 -6.47 -13.38
CA GLY A 322 -15.17 -6.95 -13.28
C GLY A 322 -16.17 -6.51 -14.35
N THR A 323 -15.86 -5.46 -15.15
CA THR A 323 -16.78 -4.96 -16.17
C THR A 323 -16.14 -4.97 -17.56
N TRP A 324 -16.98 -5.12 -18.59
CA TRP A 324 -16.49 -5.11 -19.95
C TRP A 324 -15.89 -3.77 -20.30
N LYS A 325 -16.49 -2.69 -19.79
CA LYS A 325 -16.02 -1.34 -20.07
C LYS A 325 -14.60 -1.12 -19.51
N SER A 326 -14.39 -1.57 -18.27
CA SER A 326 -13.08 -1.47 -17.58
C SER A 326 -11.99 -2.25 -18.31
N ARG A 327 -12.31 -3.49 -18.68
CA ARG A 327 -11.37 -4.34 -19.40
C ARG A 327 -11.02 -3.76 -20.77
N SER A 328 -12.03 -3.25 -21.50
CA SER A 328 -11.83 -2.64 -22.82
C SER A 328 -10.95 -1.41 -22.76
N THR A 329 -11.25 -0.53 -21.81
CA THR A 329 -10.47 0.70 -21.55
C THR A 329 -8.98 0.38 -21.28
N MET A 330 -8.73 -0.59 -20.41
CA MET A 330 -7.35 -0.96 -20.03
C MET A 330 -6.56 -1.52 -21.21
N GLU A 331 -7.17 -2.41 -21.99
N GLU A 331 -7.17 -2.42 -21.98
CA GLU A 331 -6.53 -2.97 -23.20
CA GLU A 331 -6.56 -2.97 -23.21
C GLU A 331 -6.20 -1.90 -24.25
C GLU A 331 -6.20 -1.89 -24.24
N LYS A 332 -7.09 -0.91 -24.43
CA LYS A 332 -6.81 0.22 -25.34
C LYS A 332 -5.60 1.04 -24.90
N TYR A 333 -5.45 1.30 -23.59
CA TYR A 333 -4.25 2.01 -23.12
C TYR A 333 -2.99 1.17 -23.32
N PHE A 334 -3.05 -0.12 -23.07
CA PHE A 334 -1.84 -0.96 -23.24
C PHE A 334 -1.41 -0.92 -24.70
N ARG A 335 -2.37 -0.97 -25.62
CA ARG A 335 -2.05 -0.90 -27.06
C ARG A 335 -1.45 0.46 -27.46
N GLU A 336 -2.01 1.55 -26.94
N GLU A 336 -2.00 1.56 -26.92
CA GLU A 336 -1.43 2.87 -27.17
CA GLU A 336 -1.46 2.90 -27.17
C GLU A 336 0.04 2.90 -26.72
C GLU A 336 -0.02 3.05 -26.65
N TRP A 337 0.29 2.43 -25.50
CA TRP A 337 1.65 2.48 -24.93
C TRP A 337 2.65 1.71 -25.79
N LYS A 338 2.18 0.57 -26.30
N LYS A 338 2.26 0.53 -26.25
CA LYS A 338 2.88 -0.33 -27.25
CA LYS A 338 3.14 -0.31 -27.05
C LYS A 338 3.22 0.33 -28.60
C LYS A 338 3.44 0.40 -28.38
N LEU A 339 2.36 1.24 -29.07
N LEU A 339 2.36 0.74 -29.11
CA LEU A 339 2.62 1.97 -30.34
CA LEU A 339 2.50 1.41 -30.42
C LEU A 339 3.53 3.21 -30.15
C LEU A 339 3.33 2.70 -30.31
N GLU A 340 3.38 3.92 -29.04
N GLU A 340 3.06 3.53 -29.28
CA GLU A 340 4.20 5.11 -28.77
CA GLU A 340 3.84 4.75 -28.99
C GLU A 340 5.69 4.78 -28.58
C GLU A 340 5.32 4.50 -28.81
N ALA A 341 5.98 3.62 -28.00
N ALA A 341 5.66 3.48 -28.02
CA ALA A 341 7.36 3.18 -27.73
CA ALA A 341 7.07 3.14 -27.76
C ALA A 341 7.90 2.12 -28.71
C ALA A 341 7.85 2.68 -29.00
N GLY A 342 7.07 1.68 -29.65
N GLY A 342 7.15 2.46 -30.11
CA GLY A 342 7.53 0.88 -30.80
CA GLY A 342 7.76 2.10 -31.40
C GLY A 342 7.83 -0.60 -30.55
C GLY A 342 7.66 0.62 -31.71
N TYR A 343 7.18 -1.19 -29.56
N TYR A 343 6.66 -0.04 -31.11
CA TYR A 343 7.43 -2.59 -29.19
CA TYR A 343 6.47 -1.49 -31.17
C TYR A 343 6.25 -3.51 -29.52
C TYR A 343 5.09 -1.84 -31.72
#